data_8DAK
#
_entry.id   8DAK
#
_cell.length_a   61.534
_cell.length_b   67.932
_cell.length_c   96.125
_cell.angle_alpha   90.000
_cell.angle_beta   90.000
_cell.angle_gamma   90.000
#
_symmetry.space_group_name_H-M   'P 21 21 21'
#
loop_
_entity.id
_entity.type
_entity.pdbx_description
1 polymer GDP-D-glycero-4-keto-d-lyxo-heptose-3-epimerase
2 non-polymer "GUANOSINE-5'-DIPHOSPHATE"
3 non-polymer 'CHLORIDE ION'
4 non-polymer 'TETRAMETHYLAMMONIUM ION'
5 water water
#
_entity_poly.entity_id   1
_entity_poly.type   'polypeptide(L)'
_entity_poly.pdbx_seq_one_letter_code
;GGHMAIEFDIQESKILKGVYIITPNKFRDLRGEIWTAFTSEAVDKLLPNGLKFIHDKFIHSKHNVIRGIHGDVKTYKLAT
CVYGEVHQVVVDCRKDSPTYLKHERFIINQDNQKIILVPAGFGNAHYVSSETAVYYYKCAYLGEYMDAPDQFTYAWNDER
IGIDWPTNNPILSERDILAMSKDK
;
_entity_poly.pdbx_strand_id   A,B
#
# COMPACT_ATOMS: atom_id res chain seq x y z
N HIS A 3 -12.28 -2.40 20.97
CA HIS A 3 -11.49 -2.46 19.70
C HIS A 3 -12.44 -2.62 18.50
N MET A 4 -11.99 -2.21 17.31
CA MET A 4 -12.81 -2.24 16.07
C MET A 4 -12.41 -3.45 15.19
N ALA A 5 -13.42 -4.15 14.66
CA ALA A 5 -13.32 -5.31 13.74
C ALA A 5 -12.99 -4.82 12.32
N ILE A 6 -12.00 -5.43 11.67
CA ILE A 6 -11.70 -5.19 10.23
C ILE A 6 -12.89 -5.71 9.41
N GLU A 7 -13.43 -4.88 8.53
CA GLU A 7 -14.58 -5.24 7.66
C GLU A 7 -14.36 -4.73 6.24
N PHE A 8 -14.92 -5.45 5.29
CA PHE A 8 -15.08 -5.01 3.89
C PHE A 8 -16.54 -5.11 3.48
N ASP A 9 -17.01 -4.12 2.75
CA ASP A 9 -18.23 -4.18 1.95
C ASP A 9 -17.80 -4.45 0.52
N ILE A 10 -18.25 -5.55 -0.06
CA ILE A 10 -17.80 -6.00 -1.40
C ILE A 10 -19.02 -5.96 -2.31
N GLN A 11 -18.97 -5.11 -3.32
CA GLN A 11 -20.07 -4.98 -4.32
CA GLN A 11 -20.06 -5.01 -4.31
C GLN A 11 -19.47 -5.24 -5.70
N GLU A 12 -20.23 -5.85 -6.60
CA GLU A 12 -19.82 -6.04 -8.00
C GLU A 12 -20.51 -4.99 -8.85
N SER A 13 -19.82 -4.39 -9.80
CA SER A 13 -20.37 -3.46 -10.81
C SER A 13 -21.60 -4.09 -11.48
N LYS A 14 -22.63 -3.29 -11.75
CA LYS A 14 -23.85 -3.76 -12.44
C LYS A 14 -23.54 -4.10 -13.90
N ILE A 15 -22.80 -3.24 -14.61
CA ILE A 15 -22.60 -3.35 -16.09
C ILE A 15 -21.30 -4.09 -16.42
N LEU A 16 -20.24 -3.87 -15.62
CA LEU A 16 -18.93 -4.50 -15.90
C LEU A 16 -18.68 -5.62 -14.91
N LYS A 17 -19.19 -6.80 -15.19
CA LYS A 17 -18.96 -7.97 -14.32
C LYS A 17 -17.47 -8.23 -14.25
N GLY A 18 -16.97 -8.56 -13.07
CA GLY A 18 -15.54 -8.76 -12.79
C GLY A 18 -14.95 -7.56 -12.11
N VAL A 19 -15.59 -6.39 -12.25
CA VAL A 19 -15.18 -5.16 -11.53
C VAL A 19 -15.85 -5.18 -10.16
N TYR A 20 -15.06 -5.19 -9.09
CA TYR A 20 -15.57 -5.18 -7.71
C TYR A 20 -15.23 -3.83 -7.09
N ILE A 21 -16.15 -3.35 -6.27
CA ILE A 21 -16.02 -2.08 -5.51
C ILE A 21 -15.98 -2.47 -4.05
N ILE A 22 -14.83 -2.34 -3.41
CA ILE A 22 -14.58 -2.83 -2.05
C ILE A 22 -14.37 -1.61 -1.14
N THR A 23 -15.14 -1.51 -0.09
CA THR A 23 -15.08 -0.37 0.86
C THR A 23 -14.70 -0.89 2.23
N PRO A 24 -13.50 -0.52 2.76
CA PRO A 24 -13.04 -0.94 4.08
C PRO A 24 -13.72 -0.03 5.12
N ASN A 25 -13.75 -0.49 6.36
CA ASN A 25 -13.97 0.42 7.50
C ASN A 25 -12.61 0.94 7.96
N LYS A 26 -12.64 1.90 8.88
CA LYS A 26 -11.40 2.52 9.38
C LYS A 26 -11.60 2.82 10.86
N PHE A 27 -10.51 2.79 11.61
CA PHE A 27 -10.52 3.26 12.99
C PHE A 27 -9.95 4.66 12.95
N ARG A 28 -10.77 5.64 13.33
CA ARG A 28 -10.40 7.07 13.23
C ARG A 28 -10.37 7.65 14.65
N ASP A 29 -9.31 8.40 14.99
CA ASP A 29 -9.14 8.96 16.35
C ASP A 29 -8.29 10.23 16.27
N LEU A 30 -7.83 10.70 17.43
CA LEU A 30 -7.03 11.96 17.57
C LEU A 30 -5.75 11.90 16.71
N ARG A 31 -5.26 10.70 16.39
CA ARG A 31 -3.97 10.53 15.68
C ARG A 31 -4.16 10.51 14.16
N GLY A 32 -5.35 10.14 13.66
CA GLY A 32 -5.60 9.94 12.22
C GLY A 32 -6.44 8.70 11.98
N GLU A 33 -6.02 7.79 11.08
CA GLU A 33 -6.84 6.60 10.79
C GLU A 33 -5.97 5.40 10.49
N ILE A 34 -6.48 4.23 10.84
CA ILE A 34 -5.83 2.94 10.52
C ILE A 34 -6.88 2.08 9.81
N TRP A 35 -6.47 1.41 8.73
CA TRP A 35 -7.40 0.60 7.93
C TRP A 35 -6.69 -0.49 7.15
N THR A 36 -7.48 -1.46 6.72
CA THR A 36 -7.00 -2.62 5.94
C THR A 36 -7.45 -2.47 4.49
N ALA A 37 -6.50 -2.50 3.55
CA ALA A 37 -6.79 -2.36 2.11
C ALA A 37 -7.03 -3.76 1.52
N PHE A 38 -6.55 -4.82 2.16
CA PHE A 38 -6.53 -6.16 1.53
C PHE A 38 -6.24 -7.21 2.54
N THR A 39 -6.98 -8.31 2.49
CA THR A 39 -6.53 -9.60 3.06
C THR A 39 -6.70 -10.64 1.97
N SER A 40 -5.86 -11.66 1.99
CA SER A 40 -5.95 -12.74 0.99
C SER A 40 -7.32 -13.42 1.15
N GLU A 41 -7.70 -13.70 2.40
CA GLU A 41 -8.96 -14.41 2.72
C GLU A 41 -10.17 -13.67 2.15
N ALA A 42 -10.20 -12.33 2.21
CA ALA A 42 -11.40 -11.58 1.73
C ALA A 42 -11.34 -11.37 0.20
N VAL A 43 -10.18 -11.14 -0.35
CA VAL A 43 -10.10 -10.52 -1.71
C VAL A 43 -9.55 -11.49 -2.74
N ASP A 44 -8.54 -12.32 -2.42
CA ASP A 44 -8.03 -13.30 -3.41
C ASP A 44 -9.16 -14.23 -3.90
N LYS A 45 -10.15 -14.55 -3.05
CA LYS A 45 -11.27 -15.44 -3.45
C LYS A 45 -12.14 -14.78 -4.53
N LEU A 46 -12.04 -13.48 -4.79
CA LEU A 46 -12.79 -12.83 -5.88
C LEU A 46 -12.12 -13.10 -7.24
N LEU A 47 -10.83 -13.42 -7.27
CA LEU A 47 -10.10 -13.70 -8.52
C LEU A 47 -10.48 -15.07 -9.06
N PRO A 48 -10.38 -15.30 -10.39
CA PRO A 48 -10.61 -16.63 -10.91
C PRO A 48 -9.41 -17.59 -10.80
N ASN A 49 -9.71 -18.88 -10.79
CA ASN A 49 -8.74 -19.95 -11.17
C ASN A 49 -7.54 -19.96 -10.23
N GLY A 50 -7.76 -19.59 -8.98
CA GLY A 50 -6.74 -19.69 -7.93
C GLY A 50 -5.70 -18.58 -8.03
N LEU A 51 -5.88 -17.59 -8.88
CA LEU A 51 -4.91 -16.48 -8.97
C LEU A 51 -4.86 -15.76 -7.62
N LYS A 52 -3.72 -15.13 -7.33
CA LYS A 52 -3.52 -14.35 -6.08
C LYS A 52 -2.80 -13.03 -6.40
N PHE A 53 -3.15 -11.97 -5.69
CA PHE A 53 -2.35 -10.72 -5.72
C PHE A 53 -0.96 -11.02 -5.14
N ILE A 54 0.08 -10.69 -5.90
CA ILE A 54 1.48 -11.05 -5.54
C ILE A 54 2.45 -9.86 -5.73
N HIS A 55 1.94 -8.64 -5.91
CA HIS A 55 2.77 -7.50 -6.35
C HIS A 55 2.09 -6.22 -5.88
N ASP A 56 2.81 -5.38 -5.13
CA ASP A 56 2.28 -4.12 -4.59
C ASP A 56 3.08 -2.95 -5.18
N LYS A 57 2.36 -1.96 -5.68
CA LYS A 57 2.96 -0.80 -6.35
C LYS A 57 2.40 0.49 -5.79
N PHE A 58 3.23 1.52 -5.78
CA PHE A 58 2.82 2.90 -5.43
C PHE A 58 3.18 3.86 -6.57
N ILE A 59 2.28 4.79 -6.82
CA ILE A 59 2.48 5.86 -7.82
C ILE A 59 2.21 7.18 -7.12
N HIS A 60 3.24 7.99 -6.95
CA HIS A 60 3.09 9.34 -6.36
C HIS A 60 3.11 10.33 -7.51
N SER A 61 2.00 11.00 -7.77
CA SER A 61 1.85 11.88 -8.96
C SER A 61 1.46 13.30 -8.53
N LYS A 62 1.84 14.27 -9.34
CA LYS A 62 1.52 15.70 -9.20
C LYS A 62 0.07 15.96 -9.60
N HIS A 63 -0.47 17.07 -9.12
CA HIS A 63 -1.81 17.57 -9.53
C HIS A 63 -1.92 17.54 -11.06
N ASN A 64 -3.07 17.13 -11.58
CA ASN A 64 -3.45 17.30 -13.01
C ASN A 64 -2.75 16.28 -13.90
N VAL A 65 -2.03 15.32 -13.32
CA VAL A 65 -1.51 14.14 -14.06
C VAL A 65 -2.69 13.23 -14.41
N ILE A 66 -2.68 12.68 -15.62
CA ILE A 66 -3.39 11.41 -15.93
C ILE A 66 -2.33 10.37 -16.24
N ARG A 67 -2.50 9.19 -15.67
CA ARG A 67 -1.79 7.96 -16.06
C ARG A 67 -2.82 6.99 -16.65
N GLY A 68 -2.59 6.54 -17.89
CA GLY A 68 -3.50 5.56 -18.54
C GLY A 68 -3.78 5.94 -19.98
N ILE A 69 -4.60 5.15 -20.68
CA ILE A 69 -5.30 4.00 -20.16
C ILE A 69 -4.47 2.76 -20.48
N HIS A 70 -4.09 2.00 -19.45
CA HIS A 70 -3.13 0.88 -19.58
C HIS A 70 -3.77 -0.42 -19.15
N GLY A 71 -3.50 -1.49 -19.88
CA GLY A 71 -3.88 -2.81 -19.42
C GLY A 71 -3.07 -3.89 -20.10
N ASP A 72 -3.29 -5.12 -19.70
CA ASP A 72 -2.66 -6.25 -20.40
C ASP A 72 -3.54 -7.47 -20.24
N VAL A 73 -3.25 -8.53 -20.96
CA VAL A 73 -4.21 -9.64 -21.06
C VAL A 73 -4.16 -10.52 -19.81
N LYS A 74 -3.20 -10.38 -18.91
CA LYS A 74 -3.17 -11.35 -17.80
C LYS A 74 -3.34 -10.69 -16.43
N THR A 75 -3.16 -9.38 -16.29
CA THR A 75 -2.98 -8.76 -14.95
C THR A 75 -4.30 -8.23 -14.41
N TYR A 76 -4.70 -8.75 -13.26
CA TYR A 76 -5.79 -8.22 -12.40
C TYR A 76 -5.19 -7.17 -11.48
N LYS A 77 -5.92 -6.11 -11.19
CA LYS A 77 -5.41 -5.01 -10.34
C LYS A 77 -6.41 -4.72 -9.23
N LEU A 78 -5.87 -4.20 -8.14
CA LEU A 78 -6.68 -3.75 -6.99
C LEU A 78 -6.19 -2.36 -6.60
N ALA A 79 -6.95 -1.32 -6.92
CA ALA A 79 -6.46 0.07 -6.95
C ALA A 79 -7.21 0.94 -5.96
N THR A 80 -6.48 1.82 -5.29
CA THR A 80 -7.11 2.87 -4.47
C THR A 80 -6.13 4.03 -4.33
N CYS A 81 -6.58 5.07 -3.66
CA CYS A 81 -5.76 6.27 -3.39
C CYS A 81 -5.59 6.38 -1.88
N VAL A 82 -4.36 6.32 -1.38
CA VAL A 82 -4.07 6.29 0.08
C VAL A 82 -3.58 7.66 0.53
N TYR A 83 -3.46 8.62 -0.37
CA TYR A 83 -3.25 10.03 0.02
C TYR A 83 -3.76 10.91 -1.09
N GLY A 84 -4.56 11.91 -0.72
CA GLY A 84 -5.14 12.85 -1.70
C GLY A 84 -6.39 12.30 -2.36
N GLU A 85 -6.61 12.65 -3.62
CA GLU A 85 -7.86 12.33 -4.34
C GLU A 85 -7.52 12.01 -5.78
N VAL A 86 -8.08 10.93 -6.30
CA VAL A 86 -8.04 10.65 -7.75
C VAL A 86 -9.44 10.38 -8.28
N HIS A 87 -9.61 10.57 -9.58
CA HIS A 87 -10.69 9.95 -10.38
C HIS A 87 -10.12 8.64 -10.94
N GLN A 88 -10.65 7.53 -10.51
CA GLN A 88 -10.21 6.17 -10.94
C GLN A 88 -11.13 5.70 -12.06
N VAL A 89 -10.58 5.24 -13.19
CA VAL A 89 -11.38 4.82 -14.36
C VAL A 89 -10.98 3.41 -14.78
N VAL A 90 -11.98 2.58 -15.02
CA VAL A 90 -11.79 1.24 -15.60
C VAL A 90 -12.50 1.22 -16.95
N VAL A 91 -11.90 0.55 -17.93
CA VAL A 91 -12.44 0.44 -19.29
C VAL A 91 -12.37 -1.03 -19.72
N ASP A 92 -13.47 -1.59 -20.23
CA ASP A 92 -13.42 -2.92 -20.85
C ASP A 92 -12.63 -2.80 -22.16
N CYS A 93 -11.40 -3.29 -22.21
CA CYS A 93 -10.53 -3.14 -23.40
C CYS A 93 -10.43 -4.47 -24.16
N ARG A 94 -11.39 -5.36 -23.99
CA ARG A 94 -11.45 -6.63 -24.74
C ARG A 94 -12.24 -6.35 -26.03
N LYS A 95 -11.55 -6.36 -27.18
CA LYS A 95 -12.11 -5.93 -28.48
C LYS A 95 -13.33 -6.76 -28.86
N ASP A 96 -13.38 -8.03 -28.44
CA ASP A 96 -14.52 -8.93 -28.78
C ASP A 96 -15.54 -9.01 -27.63
N SER A 97 -15.42 -8.17 -26.60
CA SER A 97 -16.40 -8.16 -25.49
C SER A 97 -17.67 -7.44 -25.92
N PRO A 98 -18.86 -7.94 -25.53
CA PRO A 98 -20.10 -7.20 -25.73
C PRO A 98 -20.10 -5.79 -25.10
N THR A 99 -19.24 -5.56 -24.11
CA THR A 99 -19.16 -4.29 -23.37
C THR A 99 -17.85 -3.59 -23.71
N TYR A 100 -17.23 -3.91 -24.85
CA TYR A 100 -15.97 -3.25 -25.29
C TYR A 100 -16.13 -1.73 -25.26
N LEU A 101 -15.20 -1.08 -24.57
CA LEU A 101 -15.00 0.38 -24.37
C LEU A 101 -16.08 1.02 -23.48
N LYS A 102 -16.94 0.24 -22.83
CA LYS A 102 -17.74 0.71 -21.69
C LYS A 102 -16.77 1.00 -20.54
N HIS A 103 -17.12 1.90 -19.65
CA HIS A 103 -16.19 2.32 -18.58
C HIS A 103 -16.96 2.66 -17.32
N GLU A 104 -16.24 2.77 -16.21
CA GLU A 104 -16.80 3.26 -14.94
C GLU A 104 -15.77 4.17 -14.28
N ARG A 105 -16.24 5.28 -13.71
CA ARG A 105 -15.36 6.27 -13.04
C ARG A 105 -15.76 6.33 -11.57
N PHE A 106 -14.76 6.30 -10.69
CA PHE A 106 -14.92 6.42 -9.24
C PHE A 106 -14.05 7.56 -8.73
N ILE A 107 -14.60 8.37 -7.82
CA ILE A 107 -13.81 9.39 -7.08
C ILE A 107 -13.35 8.76 -5.78
N ILE A 108 -12.05 8.73 -5.53
CA ILE A 108 -11.45 8.05 -4.37
C ILE A 108 -10.70 9.07 -3.55
N ASN A 109 -11.08 9.21 -2.29
CA ASN A 109 -10.38 10.06 -1.32
C ASN A 109 -10.55 9.45 0.07
N GLN A 110 -9.98 10.09 1.08
CA GLN A 110 -9.88 9.53 2.44
C GLN A 110 -11.29 9.24 2.97
N ASP A 111 -12.28 10.02 2.57
CA ASP A 111 -13.64 9.88 3.11
C ASP A 111 -14.49 8.97 2.23
N ASN A 112 -13.97 8.58 1.07
CA ASN A 112 -14.66 7.70 0.09
CA ASN A 112 -14.66 7.71 0.09
C ASN A 112 -13.62 6.70 -0.42
N GLN A 113 -13.22 5.80 0.48
CA GLN A 113 -12.04 4.93 0.28
C GLN A 113 -12.42 3.72 -0.57
N LYS A 114 -12.88 3.93 -1.78
CA LYS A 114 -13.21 2.81 -2.70
C LYS A 114 -11.92 2.11 -3.10
N ILE A 115 -11.95 0.80 -3.17
CA ILE A 115 -10.85 -0.06 -3.67
C ILE A 115 -11.45 -0.87 -4.83
N ILE A 116 -10.90 -0.70 -6.03
CA ILE A 116 -11.50 -1.19 -7.28
C ILE A 116 -10.69 -2.37 -7.77
N LEU A 117 -11.34 -3.50 -7.93
CA LEU A 117 -10.73 -4.69 -8.54
C LEU A 117 -10.99 -4.58 -10.04
N VAL A 118 -9.92 -4.53 -10.81
CA VAL A 118 -9.91 -4.32 -12.28
C VAL A 118 -9.55 -5.64 -12.94
N PRO A 119 -10.42 -6.25 -13.76
CA PRO A 119 -10.07 -7.49 -14.44
C PRO A 119 -8.88 -7.39 -15.39
N ALA A 120 -8.23 -8.54 -15.62
CA ALA A 120 -7.33 -8.70 -16.78
C ALA A 120 -8.12 -8.31 -18.02
N GLY A 121 -7.43 -7.66 -18.94
CA GLY A 121 -7.96 -7.25 -20.24
C GLY A 121 -8.67 -5.91 -20.14
N PHE A 122 -8.80 -5.36 -18.93
CA PHE A 122 -9.40 -4.02 -18.74
C PHE A 122 -8.27 -3.01 -18.76
N GLY A 123 -8.59 -1.82 -19.24
CA GLY A 123 -7.74 -0.64 -19.10
C GLY A 123 -7.96 0.05 -17.76
N ASN A 124 -6.88 0.57 -17.20
CA ASN A 124 -6.84 1.28 -15.91
C ASN A 124 -6.33 2.71 -16.16
N ALA A 125 -6.87 3.67 -15.44
CA ALA A 125 -6.38 5.06 -15.54
C ALA A 125 -6.75 5.79 -14.26
N HIS A 126 -6.00 6.83 -13.93
CA HIS A 126 -6.46 7.76 -12.88
C HIS A 126 -6.01 9.20 -13.19
N TYR A 127 -6.73 10.14 -12.62
CA TYR A 127 -6.45 11.58 -12.66
C TYR A 127 -6.27 12.10 -11.25
N VAL A 128 -5.25 12.92 -11.01
CA VAL A 128 -4.94 13.46 -9.65
C VAL A 128 -5.65 14.80 -9.52
N SER A 129 -6.71 14.87 -8.73
CA SER A 129 -7.43 16.14 -8.53
C SER A 129 -6.85 16.90 -7.34
N SER A 130 -6.19 16.22 -6.40
CA SER A 130 -5.59 16.87 -5.20
C SER A 130 -4.23 17.47 -5.60
N GLU A 131 -3.58 18.19 -4.71
CA GLU A 131 -2.31 18.87 -5.05
C GLU A 131 -1.25 17.80 -5.35
N THR A 132 -1.32 16.67 -4.65
CA THR A 132 -0.50 15.47 -4.95
C THR A 132 -1.34 14.25 -4.59
N ALA A 133 -1.05 13.08 -5.15
CA ALA A 133 -1.75 11.86 -4.70
C ALA A 133 -0.77 10.68 -4.69
N VAL A 134 -1.03 9.77 -3.77
CA VAL A 134 -0.38 8.46 -3.75
C VAL A 134 -1.42 7.42 -4.11
N TYR A 135 -1.18 6.75 -5.22
CA TYR A 135 -2.06 5.71 -5.78
C TYR A 135 -1.44 4.37 -5.45
N TYR A 136 -2.22 3.48 -4.87
CA TYR A 136 -1.76 2.12 -4.46
C TYR A 136 -2.44 1.12 -5.36
N TYR A 137 -1.69 0.20 -5.96
CA TYR A 137 -2.38 -0.94 -6.59
C TYR A 137 -1.57 -2.20 -6.46
N LYS A 138 -2.32 -3.27 -6.26
CA LYS A 138 -1.83 -4.64 -6.26
C LYS A 138 -2.05 -5.22 -7.65
N CYS A 139 -1.20 -6.14 -8.04
CA CYS A 139 -1.27 -6.88 -9.31
C CYS A 139 -1.32 -8.38 -9.01
N ALA A 140 -2.20 -9.09 -9.68
CA ALA A 140 -2.29 -10.56 -9.67
C ALA A 140 -2.05 -11.09 -11.07
N TYR A 141 -1.07 -11.96 -11.22
CA TYR A 141 -0.67 -12.56 -12.52
C TYR A 141 0.17 -13.79 -12.18
N LEU A 142 0.33 -14.68 -13.15
CA LEU A 142 1.37 -15.74 -13.11
C LEU A 142 2.53 -15.32 -13.99
N GLY A 143 3.73 -15.81 -13.65
CA GLY A 143 4.94 -15.59 -14.45
C GLY A 143 5.43 -14.16 -14.30
N GLU A 144 6.04 -13.63 -15.35
CA GLU A 144 6.78 -12.36 -15.28
C GLU A 144 5.81 -11.18 -15.36
N TYR A 145 6.13 -10.12 -14.65
CA TYR A 145 5.43 -8.84 -14.65
C TYR A 145 5.25 -8.34 -16.09
N MET A 146 4.07 -7.86 -16.43
CA MET A 146 3.77 -7.27 -17.75
C MET A 146 4.09 -5.78 -17.71
N ASP A 147 5.27 -5.40 -18.23
CA ASP A 147 5.77 -4.02 -18.25
C ASP A 147 5.19 -3.29 -19.47
N ALA A 148 5.56 -2.03 -19.66
CA ALA A 148 4.98 -1.14 -20.68
C ALA A 148 4.94 -1.82 -22.06
N PRO A 149 6.03 -2.46 -22.55
CA PRO A 149 6.01 -3.08 -23.87
C PRO A 149 5.00 -4.22 -23.98
N ASP A 150 4.59 -4.80 -22.85
CA ASP A 150 3.72 -6.00 -22.83
C ASP A 150 2.26 -5.56 -22.79
N GLN A 151 2.04 -4.28 -22.57
CA GLN A 151 0.71 -3.70 -22.32
C GLN A 151 0.10 -3.17 -23.62
N PHE A 152 -1.19 -2.89 -23.56
CA PHE A 152 -1.88 -2.05 -24.54
C PHE A 152 -2.14 -0.68 -23.91
N THR A 153 -2.46 0.28 -24.78
CA THR A 153 -2.65 1.69 -24.38
C THR A 153 -3.85 2.26 -25.14
N TYR A 154 -4.80 2.86 -24.42
CA TYR A 154 -5.89 3.66 -25.02
C TYR A 154 -5.70 5.09 -24.57
N ALA A 155 -6.10 6.00 -25.45
CA ALA A 155 -5.99 7.44 -25.22
C ALA A 155 -6.97 7.81 -24.12
N TRP A 156 -6.50 8.58 -23.13
CA TRP A 156 -7.32 9.15 -22.05
C TRP A 156 -8.59 9.77 -22.62
N ASN A 157 -8.50 10.40 -23.79
CA ASN A 157 -9.60 11.22 -24.38
C ASN A 157 -10.20 10.48 -25.57
N ASP A 158 -9.98 9.17 -25.71
CA ASP A 158 -10.60 8.36 -26.78
C ASP A 158 -12.11 8.67 -26.80
N GLU A 159 -12.58 9.18 -27.94
CA GLU A 159 -13.99 9.60 -28.15
C GLU A 159 -14.92 8.41 -28.05
N ARG A 160 -14.46 7.22 -28.41
CA ARG A 160 -15.27 5.99 -28.28
C ARG A 160 -15.56 5.72 -26.81
N ILE A 161 -14.65 6.07 -25.91
CA ILE A 161 -14.85 5.82 -24.46
C ILE A 161 -15.61 6.99 -23.84
N GLY A 162 -15.24 8.24 -24.17
CA GLY A 162 -15.97 9.43 -23.68
C GLY A 162 -15.91 9.60 -22.18
N ILE A 163 -14.76 9.43 -21.57
CA ILE A 163 -14.57 9.70 -20.12
C ILE A 163 -14.75 11.21 -19.88
N ASP A 164 -15.44 11.56 -18.81
CA ASP A 164 -15.59 12.96 -18.33
CA ASP A 164 -15.58 12.96 -18.33
C ASP A 164 -14.44 13.28 -17.36
N TRP A 165 -13.33 13.81 -17.87
CA TRP A 165 -12.17 14.20 -17.03
C TRP A 165 -12.35 15.66 -16.62
N PRO A 166 -11.81 16.10 -15.46
CA PRO A 166 -11.89 17.50 -15.05
C PRO A 166 -11.07 18.50 -15.88
N THR A 167 -10.17 18.03 -16.75
CA THR A 167 -9.18 18.87 -17.48
C THR A 167 -9.15 18.49 -18.95
N ASN A 168 -8.83 19.46 -19.81
CA ASN A 168 -8.44 19.26 -21.23
C ASN A 168 -6.93 19.34 -21.39
N ASN A 169 -6.19 19.53 -20.30
CA ASN A 169 -4.73 19.78 -20.32
C ASN A 169 -4.04 18.89 -19.30
N PRO A 170 -4.29 17.56 -19.32
CA PRO A 170 -3.64 16.69 -18.36
C PRO A 170 -2.13 16.64 -18.60
N ILE A 171 -1.38 16.38 -17.54
CA ILE A 171 0.08 16.14 -17.62
C ILE A 171 0.27 14.66 -17.94
N LEU A 172 0.93 14.36 -19.05
CA LEU A 172 0.98 12.99 -19.64
C LEU A 172 2.41 12.58 -19.96
N SER A 173 2.69 11.28 -19.95
CA SER A 173 3.92 10.68 -20.51
C SER A 173 3.86 10.74 -22.04
N GLU A 174 4.99 10.52 -22.68
CA GLU A 174 5.03 10.39 -24.16
C GLU A 174 4.13 9.23 -24.60
N ARG A 175 4.18 8.10 -23.90
CA ARG A 175 3.34 6.91 -24.20
C ARG A 175 1.87 7.34 -24.27
N ASP A 176 1.39 8.10 -23.27
CA ASP A 176 -0.06 8.39 -23.13
C ASP A 176 -0.45 9.48 -24.15
N ILE A 177 0.50 10.33 -24.55
CA ILE A 177 0.30 11.35 -25.61
C ILE A 177 0.23 10.62 -26.95
N LEU A 178 1.11 9.65 -27.16
CA LEU A 178 1.23 8.90 -28.44
C LEU A 178 -0.11 8.20 -28.76
N ALA A 179 -0.85 7.79 -27.73
CA ALA A 179 -2.11 7.03 -27.92
C ALA A 179 -3.19 7.94 -28.51
N MET A 180 -3.10 9.26 -28.34
CA MET A 180 -4.05 10.23 -28.94
C MET A 180 -3.87 10.21 -30.48
N ALA B 5 14.10 -3.03 -15.15
CA ALA B 5 13.72 -4.17 -14.27
C ALA B 5 13.36 -3.64 -12.89
N ILE B 6 12.29 -4.17 -12.32
CA ILE B 6 11.91 -3.95 -10.90
C ILE B 6 12.99 -4.59 -10.03
N GLU B 7 13.65 -3.81 -9.18
CA GLU B 7 14.80 -4.28 -8.38
C GLU B 7 14.52 -4.07 -6.90
N PHE B 8 15.09 -4.94 -6.09
CA PHE B 8 15.20 -4.77 -4.64
C PHE B 8 16.66 -4.95 -4.25
N ASP B 9 17.18 -4.03 -3.47
CA ASP B 9 18.39 -4.26 -2.67
C ASP B 9 17.94 -4.81 -1.33
N ILE B 10 18.35 -6.04 -1.01
CA ILE B 10 17.94 -6.73 0.25
C ILE B 10 19.18 -6.90 1.13
N GLN B 11 19.17 -6.24 2.27
CA GLN B 11 20.24 -6.29 3.28
C GLN B 11 19.62 -6.84 4.56
N GLU B 12 20.40 -7.51 5.37
CA GLU B 12 19.95 -7.95 6.71
C GLU B 12 20.61 -7.05 7.73
N SER B 13 19.89 -6.70 8.79
CA SER B 13 20.48 -6.05 9.98
C SER B 13 21.71 -6.83 10.46
N LYS B 14 22.76 -6.12 10.85
CA LYS B 14 23.99 -6.72 11.44
C LYS B 14 23.65 -7.34 12.78
N ILE B 15 22.93 -6.60 13.64
CA ILE B 15 22.68 -6.99 15.07
C ILE B 15 21.44 -7.87 15.18
N LEU B 16 20.37 -7.47 14.49
CA LEU B 16 19.03 -8.07 14.70
C LEU B 16 18.74 -8.97 13.51
N LYS B 17 19.24 -10.20 13.55
CA LYS B 17 19.00 -11.15 12.45
C LYS B 17 17.49 -11.34 12.33
N GLY B 18 16.99 -11.45 11.10
CA GLY B 18 15.55 -11.53 10.80
C GLY B 18 14.98 -10.19 10.41
N VAL B 19 15.66 -9.10 10.76
CA VAL B 19 15.28 -7.74 10.27
C VAL B 19 15.90 -7.54 8.90
N TYR B 20 15.09 -7.35 7.87
CA TYR B 20 15.60 -7.07 6.52
C TYR B 20 15.37 -5.61 6.20
N ILE B 21 16.36 -5.01 5.55
CA ILE B 21 16.31 -3.62 5.06
C ILE B 21 16.29 -3.67 3.53
N ILE B 22 15.12 -3.43 2.96
CA ILE B 22 14.84 -3.64 1.52
C ILE B 22 14.70 -2.27 0.85
N THR B 23 15.45 -2.03 -0.21
CA THR B 23 15.34 -0.74 -0.94
C THR B 23 14.94 -1.01 -2.39
N PRO B 24 13.78 -0.44 -2.83
CA PRO B 24 13.36 -0.58 -4.22
C PRO B 24 14.06 0.44 -5.11
N ASN B 25 14.06 0.20 -6.42
CA ASN B 25 14.37 1.27 -7.41
C ASN B 25 13.04 1.96 -7.74
N LYS B 26 13.12 3.07 -8.48
CA LYS B 26 11.92 3.84 -8.85
C LYS B 26 12.07 4.30 -10.28
N PHE B 27 10.95 4.54 -10.93
CA PHE B 27 10.91 5.31 -12.19
C PHE B 27 10.38 6.70 -11.88
N ARG B 28 11.19 7.70 -12.16
CA ARG B 28 10.91 9.11 -11.86
C ARG B 28 10.81 9.87 -13.18
N ASP B 29 9.79 10.71 -13.30
CA ASP B 29 9.58 11.52 -14.53
C ASP B 29 8.77 12.77 -14.19
N LEU B 30 8.29 13.48 -15.21
CA LEU B 30 7.55 14.77 -15.06
C LEU B 30 6.29 14.56 -14.22
N ARG B 31 5.81 13.33 -14.07
CA ARG B 31 4.50 13.05 -13.44
C ARG B 31 4.69 12.76 -11.94
N GLY B 32 5.90 12.41 -11.52
CA GLY B 32 6.17 11.92 -10.17
C GLY B 32 6.99 10.64 -10.22
N GLU B 33 6.56 9.61 -9.49
CA GLU B 33 7.35 8.36 -9.43
C GLU B 33 6.45 7.15 -9.29
N ILE B 34 6.94 6.04 -9.79
CA ILE B 34 6.28 4.73 -9.63
C ILE B 34 7.31 3.76 -9.09
N TRP B 35 6.90 2.91 -8.16
CA TRP B 35 7.81 1.90 -7.60
C TRP B 35 7.03 0.73 -7.02
N THR B 36 7.73 -0.36 -6.87
CA THR B 36 7.20 -1.63 -6.31
C THR B 36 7.68 -1.79 -4.88
N ALA B 37 6.76 -1.97 -3.94
CA ALA B 37 7.07 -2.16 -2.50
C ALA B 37 7.28 -3.64 -2.22
N PHE B 38 6.71 -4.54 -3.00
CA PHE B 38 6.65 -5.97 -2.64
C PHE B 38 6.35 -6.79 -3.88
N THR B 39 7.06 -7.91 -4.05
CA THR B 39 6.57 -9.07 -4.84
C THR B 39 6.70 -10.30 -3.96
N SER B 40 5.81 -11.27 -4.13
CA SER B 40 5.89 -12.54 -3.39
C SER B 40 7.24 -13.18 -3.73
N GLU B 41 7.62 -13.18 -5.00
CA GLU B 41 8.84 -13.86 -5.49
C GLU B 41 10.09 -13.31 -4.78
N ALA B 42 10.20 -11.99 -4.60
CA ALA B 42 11.40 -11.37 -3.99
C ALA B 42 11.34 -11.44 -2.46
N VAL B 43 10.17 -11.29 -1.83
CA VAL B 43 10.09 -10.95 -0.39
C VAL B 43 9.51 -12.11 0.43
N ASP B 44 8.50 -12.83 -0.04
CA ASP B 44 7.96 -13.97 0.75
C ASP B 44 9.08 -14.98 1.05
N LYS B 45 10.08 -15.09 0.16
CA LYS B 45 11.26 -16.00 0.28
C LYS B 45 12.03 -15.69 1.57
N LEU B 46 11.95 -14.46 2.08
CA LEU B 46 12.73 -14.06 3.27
C LEU B 46 12.07 -14.60 4.55
N LEU B 47 10.78 -14.94 4.49
CA LEU B 47 10.02 -15.41 5.68
C LEU B 47 10.38 -16.87 5.92
N PRO B 48 10.29 -17.35 7.17
CA PRO B 48 10.52 -18.77 7.42
C PRO B 48 9.31 -19.65 7.08
N ASN B 49 9.58 -20.93 6.82
CA ASN B 49 8.59 -22.04 6.98
C ASN B 49 7.38 -21.84 6.04
N GLY B 50 7.59 -21.21 4.88
CA GLY B 50 6.56 -21.08 3.84
C GLY B 50 5.52 -20.00 4.15
N LEU B 51 5.76 -19.20 5.17
CA LEU B 51 4.82 -18.10 5.51
C LEU B 51 4.75 -17.10 4.36
N LYS B 52 3.61 -16.45 4.21
CA LYS B 52 3.43 -15.43 3.17
C LYS B 52 2.76 -14.19 3.74
N PHE B 53 3.12 -13.03 3.22
CA PHE B 53 2.36 -11.79 3.54
C PHE B 53 0.96 -11.92 2.95
N ILE B 54 -0.09 -11.64 3.74
CA ILE B 54 -1.49 -11.88 3.30
C ILE B 54 -2.41 -10.74 3.75
N HIS B 55 -1.86 -9.59 4.12
CA HIS B 55 -2.66 -8.52 4.76
C HIS B 55 -1.97 -7.18 4.50
N ASP B 56 -2.70 -6.19 4.01
CA ASP B 56 -2.12 -4.84 3.74
C ASP B 56 -2.86 -3.81 4.57
N LYS B 57 -2.11 -2.96 5.28
CA LYS B 57 -2.70 -1.91 6.14
C LYS B 57 -2.08 -0.55 5.85
N PHE B 58 -2.83 0.51 6.10
CA PHE B 58 -2.37 1.90 5.98
C PHE B 58 -2.65 2.61 7.29
N ILE B 59 -1.73 3.46 7.71
CA ILE B 59 -1.92 4.33 8.89
C ILE B 59 -1.62 5.75 8.42
N HIS B 60 -2.62 6.60 8.45
CA HIS B 60 -2.46 8.04 8.16
C HIS B 60 -2.45 8.79 9.48
N SER B 61 -1.35 9.45 9.83
CA SER B 61 -1.23 10.15 11.13
C SER B 61 -0.72 11.58 10.94
N LYS B 62 -1.06 12.45 11.88
CA LYS B 62 -0.58 13.86 11.85
C LYS B 62 0.80 13.96 12.49
N HIS B 63 1.45 15.10 12.26
CA HIS B 63 2.75 15.46 12.82
C HIS B 63 2.78 15.13 14.31
N ASN B 64 3.87 14.52 14.76
CA ASN B 64 4.24 14.33 16.19
C ASN B 64 3.40 13.22 16.81
N VAL B 65 2.66 12.45 16.01
CA VAL B 65 2.08 11.17 16.48
C VAL B 65 3.19 10.11 16.60
N ILE B 66 3.12 9.31 17.64
CA ILE B 66 3.83 8.01 17.72
C ILE B 66 2.76 6.94 17.81
N ARG B 67 2.94 5.87 17.05
CA ARG B 67 2.15 4.64 17.20
C ARG B 67 3.12 3.54 17.57
N GLY B 68 2.91 2.86 18.69
CA GLY B 68 3.79 1.76 19.11
C GLY B 68 4.05 1.80 20.60
N ILE B 69 4.84 0.85 21.12
CA ILE B 69 5.53 -0.20 20.36
C ILE B 69 4.68 -1.47 20.41
N HIS B 70 4.27 -1.99 19.25
CA HIS B 70 3.24 -3.04 19.13
C HIS B 70 3.86 -4.30 18.49
N GLY B 71 3.49 -5.45 19.00
CA GLY B 71 3.84 -6.74 18.38
C GLY B 71 3.06 -7.87 18.97
N ASP B 72 3.30 -9.07 18.48
CA ASP B 72 2.63 -10.28 18.98
C ASP B 72 3.51 -11.45 18.65
N VAL B 73 3.11 -12.65 19.05
CA VAL B 73 3.98 -13.85 18.95
C VAL B 73 4.11 -14.31 17.49
N LYS B 74 3.19 -13.96 16.57
CA LYS B 74 3.18 -14.64 15.24
C LYS B 74 3.34 -13.68 14.07
N THR B 75 3.07 -12.38 14.23
CA THR B 75 2.90 -11.48 13.06
C THR B 75 4.23 -10.92 12.59
N TYR B 76 4.65 -11.27 11.37
CA TYR B 76 5.72 -10.58 10.63
C TYR B 76 5.14 -9.36 9.95
N LYS B 77 5.91 -8.28 9.88
CA LYS B 77 5.46 -7.06 9.17
C LYS B 77 6.48 -6.62 8.13
N LEU B 78 6.03 -5.85 7.14
CA LEU B 78 6.87 -5.22 6.12
C LEU B 78 6.42 -3.76 6.04
N ALA B 79 7.22 -2.83 6.54
CA ALA B 79 6.75 -1.46 6.81
C ALA B 79 7.54 -0.42 6.02
N THR B 80 6.85 0.60 5.51
CA THR B 80 7.53 1.76 4.91
C THR B 80 6.62 2.99 5.01
N CYS B 81 7.09 4.12 4.56
CA CYS B 81 6.32 5.40 4.55
C CYS B 81 6.12 5.80 3.09
N VAL B 82 4.87 5.86 2.63
CA VAL B 82 4.60 6.09 1.18
C VAL B 82 4.20 7.54 0.92
N TYR B 83 4.00 8.31 1.98
CA TYR B 83 3.82 9.78 1.87
C TYR B 83 4.37 10.41 3.13
N GLY B 84 5.23 11.40 2.97
CA GLY B 84 5.83 12.11 4.10
C GLY B 84 7.05 11.39 4.62
N GLU B 85 7.24 11.47 5.93
CA GLU B 85 8.45 10.97 6.62
C GLU B 85 8.09 10.43 7.99
N VAL B 86 8.62 9.25 8.31
CA VAL B 86 8.53 8.71 9.69
C VAL B 86 9.91 8.29 10.16
N HIS B 87 10.08 8.28 11.47
CA HIS B 87 11.12 7.48 12.12
C HIS B 87 10.50 6.12 12.44
N GLN B 88 10.98 5.10 11.75
CA GLN B 88 10.54 3.69 11.84
C GLN B 88 11.47 3.01 12.83
N VAL B 89 10.91 2.30 13.80
CA VAL B 89 11.71 1.62 14.86
C VAL B 89 11.23 0.19 14.98
N VAL B 90 12.18 -0.74 15.00
CA VAL B 90 11.94 -2.15 15.39
C VAL B 90 12.69 -2.43 16.70
N VAL B 91 12.08 -3.25 17.54
CA VAL B 91 12.63 -3.66 18.85
C VAL B 91 12.50 -5.15 18.96
N ASP B 92 13.53 -5.81 19.44
CA ASP B 92 13.45 -7.25 19.77
C ASP B 92 12.69 -7.35 21.09
N CYS B 93 11.45 -7.79 21.08
CA CYS B 93 10.60 -7.85 22.29
C CYS B 93 10.44 -9.29 22.73
N ARG B 94 11.37 -10.17 22.38
CA ARG B 94 11.39 -11.57 22.87
C ARG B 94 12.17 -11.60 24.19
N LYS B 95 11.48 -11.75 25.32
CA LYS B 95 12.08 -11.59 26.67
C LYS B 95 13.30 -12.49 26.85
N ASP B 96 13.33 -13.66 26.21
CA ASP B 96 14.40 -14.68 26.39
C ASP B 96 15.45 -14.57 25.27
N SER B 97 15.35 -13.57 24.39
CA SER B 97 16.34 -13.35 23.31
C SER B 97 17.62 -12.74 23.89
N PRO B 98 18.80 -13.17 23.44
CA PRO B 98 20.05 -12.49 23.83
C PRO B 98 20.02 -11.00 23.45
N THR B 99 19.18 -10.61 22.48
CA THR B 99 19.14 -9.22 21.96
C THR B 99 17.85 -8.53 22.41
N TYR B 100 17.20 -9.04 23.43
CA TYR B 100 15.96 -8.46 24.01
C TYR B 100 16.17 -6.95 24.25
N LEU B 101 15.24 -6.16 23.72
CA LEU B 101 15.10 -4.66 23.80
C LEU B 101 16.22 -3.92 23.06
N LYS B 102 17.06 -4.58 22.26
CA LYS B 102 17.88 -3.90 21.25
C LYS B 102 16.93 -3.38 20.18
N HIS B 103 17.31 -2.35 19.45
CA HIS B 103 16.44 -1.65 18.49
C HIS B 103 17.24 -1.09 17.33
N GLU B 104 16.53 -0.73 16.27
CA GLU B 104 17.10 -0.08 15.10
C GLU B 104 16.09 0.97 14.65
N ARG B 105 16.56 2.12 14.22
CA ARG B 105 15.72 3.25 13.80
C ARG B 105 16.12 3.68 12.39
N PHE B 106 15.14 3.98 11.57
CA PHE B 106 15.30 4.36 10.15
C PHE B 106 14.46 5.61 9.89
N ILE B 107 15.03 6.61 9.21
CA ILE B 107 14.26 7.81 8.80
C ILE B 107 13.84 7.60 7.35
N ILE B 108 12.58 7.24 7.17
CA ILE B 108 12.04 6.76 5.88
C ILE B 108 11.25 7.87 5.25
N ASN B 109 11.60 8.20 4.01
CA ASN B 109 10.88 9.21 3.21
C ASN B 109 11.09 8.88 1.74
N GLN B 110 10.60 9.73 0.84
CA GLN B 110 10.62 9.42 -0.60
C GLN B 110 12.08 9.31 -1.11
N ASP B 111 13.02 10.01 -0.47
CA ASP B 111 14.46 10.02 -0.85
C ASP B 111 15.23 8.90 -0.15
N ASN B 112 14.61 8.22 0.81
CA ASN B 112 15.23 7.09 1.54
C ASN B 112 14.15 6.01 1.73
N GLN B 113 13.80 5.32 0.65
CA GLN B 113 12.59 4.45 0.61
C GLN B 113 12.94 3.07 1.18
N LYS B 114 13.41 3.02 2.42
CA LYS B 114 13.70 1.73 3.10
CA LYS B 114 13.70 1.73 3.08
C LYS B 114 12.36 1.05 3.40
N ILE B 115 12.32 -0.25 3.22
CA ILE B 115 11.16 -1.10 3.56
C ILE B 115 11.69 -2.12 4.55
N ILE B 116 11.14 -2.15 5.75
CA ILE B 116 11.72 -2.93 6.89
C ILE B 116 10.88 -4.16 7.10
N LEU B 117 11.51 -5.33 7.05
CA LEU B 117 10.86 -6.60 7.46
C LEU B 117 11.10 -6.80 8.95
N VAL B 118 10.00 -6.82 9.71
CA VAL B 118 9.98 -6.89 11.19
C VAL B 118 9.59 -8.30 11.56
N PRO B 119 10.44 -9.05 12.28
CA PRO B 119 10.05 -10.41 12.67
C PRO B 119 8.87 -10.49 13.61
N ALA B 120 8.20 -11.64 13.62
CA ALA B 120 7.30 -11.99 14.72
C ALA B 120 8.06 -11.84 16.03
N GLY B 121 7.37 -11.39 17.04
CA GLY B 121 7.93 -11.25 18.39
C GLY B 121 8.71 -9.96 18.53
N PHE B 122 8.88 -9.20 17.44
CA PHE B 122 9.46 -7.82 17.50
C PHE B 122 8.34 -6.81 17.70
N GLY B 123 8.67 -5.73 18.36
CA GLY B 123 7.81 -4.55 18.47
C GLY B 123 8.08 -3.59 17.32
N ASN B 124 7.02 -2.96 16.84
CA ASN B 124 7.02 -2.03 15.70
C ASN B 124 6.50 -0.69 16.18
N ALA B 125 7.09 0.40 15.73
CA ALA B 125 6.66 1.77 16.12
C ALA B 125 7.05 2.75 15.02
N HIS B 126 6.38 3.88 14.95
CA HIS B 126 6.81 4.99 14.07
C HIS B 126 6.38 6.32 14.65
N TYR B 127 7.14 7.33 14.28
CA TYR B 127 6.93 8.74 14.67
C TYR B 127 6.77 9.54 13.40
N VAL B 128 5.75 10.39 13.34
CA VAL B 128 5.53 11.22 12.14
C VAL B 128 6.34 12.53 12.27
N SER B 129 7.39 12.66 11.47
CA SER B 129 8.26 13.86 11.48
C SER B 129 7.80 14.87 10.44
N SER B 130 7.12 14.43 9.39
CA SER B 130 6.49 15.32 8.39
C SER B 130 5.20 15.93 8.97
N GLU B 131 4.57 16.84 8.22
CA GLU B 131 3.31 17.49 8.64
C GLU B 131 2.21 16.42 8.74
N THR B 132 2.27 15.47 7.83
CA THR B 132 1.37 14.30 7.83
C THR B 132 2.14 13.15 7.18
N ALA B 133 1.77 11.91 7.47
CA ALA B 133 2.40 10.77 6.80
C ALA B 133 1.40 9.65 6.60
N VAL B 134 1.63 8.89 5.54
CA VAL B 134 0.91 7.63 5.29
C VAL B 134 1.92 6.49 5.38
N TYR B 135 1.71 5.66 6.38
CA TYR B 135 2.51 4.48 6.71
C TYR B 135 1.82 3.26 6.12
N TYR B 136 2.59 2.40 5.48
CA TYR B 136 2.13 1.17 4.81
C TYR B 136 2.80 0.01 5.53
N TYR B 137 2.04 -1.00 5.91
CA TYR B 137 2.66 -2.25 6.37
C TYR B 137 1.82 -3.44 5.96
N LYS B 138 2.55 -4.44 5.50
CA LYS B 138 2.01 -5.77 5.26
C LYS B 138 2.20 -6.63 6.51
N CYS B 139 1.32 -7.60 6.67
CA CYS B 139 1.37 -8.58 7.77
C CYS B 139 1.39 -9.99 7.18
N ALA B 140 2.22 -10.85 7.76
CA ALA B 140 2.30 -12.30 7.45
C ALA B 140 2.01 -13.07 8.74
N TYR B 141 1.03 -13.97 8.67
CA TYR B 141 0.66 -14.89 9.77
C TYR B 141 -0.22 -15.96 9.20
N LEU B 142 -0.33 -17.07 9.91
CA LEU B 142 -1.37 -18.08 9.68
C LEU B 142 -2.53 -17.79 10.61
N GLY B 143 -3.71 -18.23 10.21
CA GLY B 143 -4.90 -18.13 11.05
C GLY B 143 -5.37 -16.69 11.14
N GLU B 144 -5.94 -16.33 12.27
CA GLU B 144 -6.71 -15.08 12.44
C GLU B 144 -5.76 -13.94 12.79
N TYR B 145 -6.04 -12.75 12.26
CA TYR B 145 -5.33 -11.49 12.56
C TYR B 145 -5.30 -11.29 14.08
N MET B 146 -4.14 -10.94 14.63
CA MET B 146 -3.96 -10.61 16.05
C MET B 146 -4.33 -9.14 16.26
N ASP B 147 -5.53 -8.88 16.79
CA ASP B 147 -5.97 -7.47 17.02
C ASP B 147 -5.36 -6.96 18.32
N ALA B 148 -5.61 -5.69 18.63
CA ALA B 148 -4.91 -4.96 19.70
C ALA B 148 -4.94 -5.76 20.99
N PRO B 149 -6.10 -6.29 21.44
CA PRO B 149 -6.16 -7.00 22.73
C PRO B 149 -5.20 -8.19 22.84
N ASP B 150 -4.79 -8.76 21.71
CA ASP B 150 -3.95 -9.99 21.68
C ASP B 150 -2.47 -9.64 21.46
N GLN B 151 -2.15 -8.36 21.39
CA GLN B 151 -0.79 -7.85 21.14
C GLN B 151 -0.17 -7.42 22.47
N PHE B 152 1.16 -7.37 22.53
CA PHE B 152 1.89 -6.65 23.58
C PHE B 152 2.12 -5.20 23.16
N THR B 153 2.41 -4.37 24.16
CA THR B 153 2.74 -2.94 23.99
C THR B 153 3.93 -2.64 24.89
N TYR B 154 4.94 -1.98 24.34
CA TYR B 154 6.02 -1.34 25.11
C TYR B 154 5.91 0.17 24.94
N ALA B 155 6.18 0.90 26.01
CA ALA B 155 6.22 2.37 25.99
C ALA B 155 7.25 2.89 24.97
N TRP B 156 6.84 3.82 24.10
CA TRP B 156 7.73 4.50 23.13
C TRP B 156 9.04 4.91 23.81
N ASN B 157 8.98 5.40 25.05
CA ASN B 157 10.18 5.97 25.71
C ASN B 157 10.62 5.06 26.85
N ASP B 158 10.31 3.77 26.79
CA ASP B 158 10.82 2.78 27.78
C ASP B 158 12.33 2.99 27.97
N GLU B 159 12.79 3.25 29.19
CA GLU B 159 14.22 3.57 29.50
C GLU B 159 15.13 2.40 29.10
N ARG B 160 14.62 1.17 29.17
CA ARG B 160 15.42 -0.05 28.88
C ARG B 160 15.70 -0.14 27.38
N ILE B 161 14.84 0.45 26.54
CA ILE B 161 15.07 0.45 25.08
C ILE B 161 15.91 1.68 24.70
N GLY B 162 15.56 2.85 25.21
CA GLY B 162 16.34 4.08 25.04
C GLY B 162 16.38 4.56 23.60
N ILE B 163 15.25 4.51 22.90
CA ILE B 163 15.12 5.05 21.52
C ILE B 163 15.33 6.57 21.55
N ASP B 164 16.13 7.10 20.64
CA ASP B 164 16.40 8.57 20.54
CA ASP B 164 16.43 8.55 20.50
C ASP B 164 15.39 9.21 19.58
N TRP B 165 14.15 9.36 20.03
CA TRP B 165 13.06 9.93 19.21
C TRP B 165 13.27 11.44 19.10
N PRO B 166 12.81 12.09 18.01
CA PRO B 166 12.92 13.53 17.90
C PRO B 166 11.89 14.33 18.72
N THR B 167 11.17 13.72 19.67
CA THR B 167 10.12 14.37 20.49
C THR B 167 10.22 13.90 21.93
N ASN B 168 9.84 14.78 22.88
CA ASN B 168 9.64 14.42 24.31
C ASN B 168 8.14 14.42 24.62
N ASN B 169 7.28 14.78 23.68
CA ASN B 169 5.83 14.90 23.96
C ASN B 169 5.03 14.50 22.73
N PRO B 170 5.06 13.21 22.34
CA PRO B 170 4.27 12.73 21.20
C PRO B 170 2.78 12.67 21.50
N ILE B 171 1.98 12.66 20.45
CA ILE B 171 0.53 12.40 20.53
C ILE B 171 0.34 10.88 20.56
N LEU B 172 -0.35 10.37 21.57
CA LEU B 172 -0.43 8.91 21.86
C LEU B 172 -1.87 8.51 22.11
N SER B 173 -2.21 7.29 21.75
CA SER B 173 -3.43 6.59 22.21
C SER B 173 -3.32 6.26 23.71
N GLU B 174 -4.45 6.00 24.31
CA GLU B 174 -4.51 5.50 25.69
C GLU B 174 -3.75 4.16 25.80
N ARG B 175 -3.87 3.29 24.80
CA ARG B 175 -3.11 2.01 24.77
C ARG B 175 -1.62 2.28 24.96
N ASP B 176 -1.09 3.27 24.24
CA ASP B 176 0.36 3.50 24.11
C ASP B 176 0.87 4.25 25.35
N ILE B 177 -0.02 4.93 26.08
CA ILE B 177 0.30 5.56 27.40
C ILE B 177 0.29 4.50 28.52
N LEU B 178 -0.67 3.59 28.51
CA LEU B 178 -0.74 2.50 29.51
C LEU B 178 0.37 1.47 29.28
N ALA B 179 0.85 1.30 28.04
CA ALA B 179 1.85 0.26 27.66
C ALA B 179 1.69 -1.02 28.49
#